data_3N9W
#
_entry.id   3N9W
#
_cell.length_a   41.240
_cell.length_b   81.200
_cell.length_c   133.650
_cell.angle_alpha   90.00
_cell.angle_beta   90.00
_cell.angle_gamma   90.00
#
_symmetry.space_group_name_H-M   'P 21 21 21'
#
loop_
_entity.id
_entity.type
_entity.pdbx_description
1 polymer '2-C-methyl-D-erythritol 4-phosphate cytidylyltransferase'
2 non-polymer S-1,2-PROPANEDIOL
3 non-polymer R-1,2-PROPANEDIOL
4 water water
#
_entity_poly.entity_id   1
_entity_poly.type   'polypeptide(L)'
_entity_poly.pdbx_seq_one_letter_code
;ATTHLDVCAVVPAAGFGRRMQTECPKQYLSIGNQTILEHSVHALLAHPRVKRVVIAISPGDSRFAQLPLANHPQITVVDG
GDERADSVLAGLKAAGDAQWVLVHDAARPCLHQDDLARLLALSETSRTGGILAAPVRDTMKRAEPGKNAIAHTVDRNGLW
HALTPQFFPRELLHDCLTRALNEGATITDEASALEYCGFHPQLVEGRADNIKVTRPEDLALAEFYLTRTIHQENT
;
_entity_poly.pdbx_strand_id   A,B
#
loop_
_chem_comp.id
_chem_comp.type
_chem_comp.name
_chem_comp.formula
PGO non-polymer S-1,2-PROPANEDIOL 'C3 H8 O2'
PGR non-polymer R-1,2-PROPANEDIOL 'C3 H8 O2'
#
# COMPACT_ATOMS: atom_id res chain seq x y z
N LEU A 5 -20.51 21.08 16.51
CA LEU A 5 -19.52 20.72 15.51
C LEU A 5 -18.19 21.44 15.74
N ASP A 6 -17.94 22.13 16.85
CA ASP A 6 -16.56 22.51 17.14
C ASP A 6 -15.81 21.20 17.41
N VAL A 7 -14.62 21.07 16.87
CA VAL A 7 -13.90 19.80 17.02
C VAL A 7 -12.64 19.99 17.83
N CYS A 8 -12.35 19.07 18.75
CA CYS A 8 -11.04 19.04 19.40
C CYS A 8 -10.25 17.88 18.78
N ALA A 9 -9.00 18.08 18.42
CA ALA A 9 -8.18 16.95 17.95
C ALA A 9 -7.26 16.47 19.06
N VAL A 10 -6.85 15.21 18.98
CA VAL A 10 -5.92 14.56 19.85
C VAL A 10 -4.81 13.90 19.01
N VAL A 11 -3.56 14.26 19.31
CA VAL A 11 -2.39 13.65 18.71
C VAL A 11 -1.56 12.95 19.77
N PRO A 12 -1.56 11.63 19.81
CA PRO A 12 -0.68 10.94 20.77
C PRO A 12 0.77 10.94 20.29
N ALA A 13 1.61 11.70 20.97
CA ALA A 13 3.06 11.74 20.82
C ALA A 13 3.75 11.02 21.97
N ALA A 14 3.10 10.03 22.53
CA ALA A 14 3.58 9.14 23.57
C ALA A 14 2.85 7.80 23.40
N ASN A 33 11.86 15.67 14.14
CA ASN A 33 10.74 14.89 14.66
C ASN A 33 9.74 15.80 15.39
N GLN A 34 10.18 16.92 15.95
CA GLN A 34 9.40 18.03 16.45
C GLN A 34 8.83 18.84 15.30
N THR A 35 9.58 19.09 14.23
CA THR A 35 8.97 19.65 13.03
C THR A 35 7.98 18.68 12.41
N ILE A 36 8.15 17.37 12.35
CA ILE A 36 7.11 16.53 11.76
C ILE A 36 5.80 16.66 12.56
N LEU A 37 5.84 16.57 13.88
CA LEU A 37 4.67 16.73 14.76
C LEU A 37 3.97 18.05 14.53
N GLU A 38 4.79 19.08 14.37
CA GLU A 38 4.37 20.45 14.13
C GLU A 38 3.60 20.62 12.85
N HIS A 39 4.13 19.99 11.79
CA HIS A 39 3.42 20.08 10.52
C HIS A 39 2.11 19.29 10.57
N SER A 40 2.15 18.12 11.16
CA SER A 40 0.90 17.34 11.31
C SER A 40 -0.16 18.14 12.06
N VAL A 41 0.27 18.73 13.17
CA VAL A 41 -0.62 19.54 14.01
C VAL A 41 -1.20 20.70 13.23
N HIS A 42 -0.36 21.41 12.47
CA HIS A 42 -0.93 22.58 11.78
C HIS A 42 -1.81 22.17 10.62
N ALA A 43 -1.63 20.99 10.05
CA ALA A 43 -2.57 20.49 9.04
C ALA A 43 -3.97 20.34 9.64
N LEU A 44 -4.04 19.87 10.87
CA LEU A 44 -5.32 19.74 11.55
C LEU A 44 -5.91 21.10 11.88
N LEU A 45 -5.05 21.98 12.39
CA LEU A 45 -5.55 23.28 12.83
C LEU A 45 -6.03 24.15 11.67
N ALA A 46 -5.62 23.79 10.45
CA ALA A 46 -5.93 24.55 9.25
C ALA A 46 -7.43 24.63 8.98
N HIS A 47 -8.20 23.61 9.33
CA HIS A 47 -9.65 23.61 9.14
C HIS A 47 -10.33 24.43 10.23
N PRO A 48 -11.21 25.36 9.86
CA PRO A 48 -11.98 26.18 10.79
C PRO A 48 -12.70 25.53 11.97
N ARG A 49 -13.17 24.32 11.92
CA ARG A 49 -13.93 23.62 12.94
C ARG A 49 -12.99 23.06 13.99
N VAL A 50 -11.72 22.85 13.59
CA VAL A 50 -10.73 22.31 14.50
C VAL A 50 -10.11 23.46 15.27
N LYS A 51 -10.64 23.71 16.47
CA LYS A 51 -10.25 24.82 17.30
C LYS A 51 -8.99 24.62 18.12
N ARG A 52 -8.71 23.36 18.45
CA ARG A 52 -7.58 23.08 19.34
C ARG A 52 -7.01 21.70 19.03
N VAL A 53 -5.75 21.51 19.39
CA VAL A 53 -5.16 20.19 19.36
C VAL A 53 -4.61 19.84 20.73
N VAL A 54 -4.92 18.62 21.17
CA VAL A 54 -4.33 18.10 22.39
C VAL A 54 -3.22 17.14 22.02
N ILE A 55 -2.01 17.45 22.49
CA ILE A 55 -0.89 16.53 22.31
C ILE A 55 -0.64 15.72 23.57
N ALA A 56 -0.82 14.41 23.45
CA ALA A 56 -0.63 13.50 24.58
C ALA A 56 0.83 13.05 24.61
N ILE A 57 1.53 13.45 25.66
CA ILE A 57 2.93 13.15 25.80
C ILE A 57 3.23 12.70 27.24
N PRO A 68 8.42 24.52 21.97
CA PRO A 68 7.75 25.75 21.54
C PRO A 68 6.41 25.44 20.90
N LEU A 69 6.27 24.23 20.35
CA LEU A 69 4.95 23.91 19.81
C LEU A 69 3.91 24.02 20.94
N ALA A 70 4.34 23.61 22.13
CA ALA A 70 3.48 23.62 23.30
C ALA A 70 3.12 25.04 23.71
N ASN A 71 3.77 26.05 23.14
CA ASN A 71 3.50 27.44 23.47
C ASN A 71 2.53 28.07 22.47
N HIS A 72 1.92 27.20 21.67
CA HIS A 72 0.89 27.67 20.76
C HIS A 72 -0.45 27.75 21.48
N PRO A 73 -1.16 28.86 21.38
CA PRO A 73 -2.40 29.07 22.11
C PRO A 73 -3.48 28.02 21.82
N GLN A 74 -3.31 27.27 20.76
CA GLN A 74 -4.26 26.29 20.28
C GLN A 74 -3.81 24.87 20.63
N ILE A 75 -2.66 24.75 21.28
CA ILE A 75 -2.12 23.43 21.58
C ILE A 75 -2.16 23.20 23.09
N THR A 76 -2.71 22.07 23.51
CA THR A 76 -2.72 21.60 24.88
C THR A 76 -1.86 20.35 25.00
N VAL A 77 -1.21 20.21 26.13
CA VAL A 77 -0.41 19.03 26.43
C VAL A 77 -0.99 18.28 27.63
N VAL A 78 -1.05 16.95 27.54
CA VAL A 78 -1.45 16.13 28.68
C VAL A 78 -0.48 14.96 28.79
N ASP A 79 -0.50 14.27 29.93
CA ASP A 79 0.33 13.08 30.07
C ASP A 79 -0.20 11.98 29.16
N GLY A 80 0.60 11.53 28.21
CA GLY A 80 0.22 10.32 27.48
C GLY A 80 0.59 9.11 28.34
N GLY A 81 -0.04 7.97 28.10
CA GLY A 81 0.31 6.74 28.79
C GLY A 81 1.32 5.92 28.00
N ASP A 82 1.43 4.65 28.39
CA ASP A 82 2.34 3.71 27.76
C ASP A 82 1.78 3.20 26.44
N GLU A 83 0.46 3.07 26.35
CA GLU A 83 -0.17 2.63 25.10
C GLU A 83 -0.79 3.79 24.34
N ARG A 84 -0.94 3.63 22.90
CA ARG A 84 -1.59 4.71 22.17
C ARG A 84 -2.99 4.95 22.71
N ALA A 85 -3.76 3.90 22.96
CA ALA A 85 -5.13 3.99 23.46
C ALA A 85 -5.21 4.81 24.73
N ASP A 86 -4.23 4.65 25.63
CA ASP A 86 -4.26 5.38 26.88
C ASP A 86 -3.91 6.84 26.67
N SER A 87 -3.01 7.12 25.71
CA SER A 87 -2.70 8.52 25.45
C SER A 87 -3.93 9.20 24.85
N VAL A 88 -4.63 8.49 23.96
CA VAL A 88 -5.85 9.10 23.40
C VAL A 88 -6.88 9.33 24.49
N LEU A 89 -7.12 8.36 25.38
CA LEU A 89 -8.08 8.62 26.46
C LEU A 89 -7.66 9.84 27.27
N ALA A 90 -6.37 9.92 27.59
CA ALA A 90 -5.85 11.06 28.34
C ALA A 90 -6.11 12.34 27.58
N GLY A 91 -6.09 12.25 26.24
CA GLY A 91 -6.37 13.49 25.52
C GLY A 91 -7.81 13.87 25.66
N LEU A 92 -8.66 12.82 25.77
CA LEU A 92 -10.09 13.05 25.91
C LEU A 92 -10.41 13.86 27.16
N LYS A 93 -9.69 13.67 28.25
CA LYS A 93 -10.01 14.45 29.45
C LYS A 93 -9.70 15.93 29.26
N ALA A 94 -8.97 16.27 28.20
CA ALA A 94 -8.60 17.65 27.92
C ALA A 94 -9.45 18.27 26.84
N ALA A 95 -10.40 17.56 26.26
CA ALA A 95 -11.15 17.97 25.08
C ALA A 95 -12.30 18.92 25.38
N GLY A 96 -12.58 19.23 26.63
CA GLY A 96 -13.60 20.22 26.95
C GLY A 96 -15.01 19.75 26.63
N ASP A 97 -15.78 20.66 26.03
CA ASP A 97 -17.15 20.35 25.62
C ASP A 97 -17.24 19.82 24.19
N ALA A 98 -16.13 19.46 23.56
CA ALA A 98 -16.14 18.93 22.20
C ALA A 98 -17.06 17.71 22.08
N GLN A 99 -17.96 17.79 21.09
CA GLN A 99 -18.92 16.71 20.85
C GLN A 99 -18.35 15.63 19.91
N TRP A 100 -17.37 16.02 19.13
CA TRP A 100 -16.69 15.18 18.15
C TRP A 100 -15.19 15.36 18.30
N VAL A 101 -14.46 14.25 18.20
CA VAL A 101 -13.00 14.34 18.33
C VAL A 101 -12.33 13.71 17.11
N LEU A 102 -11.24 14.35 16.69
CA LEU A 102 -10.35 13.92 15.65
C LEU A 102 -9.11 13.27 16.25
N VAL A 103 -8.76 12.08 15.89
CA VAL A 103 -7.48 11.54 16.39
C VAL A 103 -6.57 11.35 15.18
N HIS A 104 -5.38 11.89 15.26
CA HIS A 104 -4.41 11.93 14.17
C HIS A 104 -3.04 11.45 14.61
N ASP A 105 -2.39 10.68 13.72
CA ASP A 105 -1.02 10.25 13.87
C ASP A 105 -0.05 11.42 13.73
N ALA A 106 0.86 11.52 14.69
CA ALA A 106 1.85 12.59 14.65
C ALA A 106 2.74 12.49 13.41
N ALA A 107 2.86 11.30 12.84
CA ALA A 107 3.76 11.12 11.70
C ALA A 107 3.07 11.16 10.34
N ARG A 108 1.91 11.81 10.21
CA ARG A 108 1.24 11.98 8.92
C ARG A 108 1.00 13.44 8.58
N PRO A 109 2.06 14.14 8.21
CA PRO A 109 2.01 15.58 7.96
C PRO A 109 1.60 15.94 6.55
N CYS A 110 1.35 14.93 5.73
CA CYS A 110 0.93 15.18 4.35
C CYS A 110 -0.57 15.10 4.15
N LEU A 111 -1.31 15.26 5.24
CA LEU A 111 -2.78 15.33 5.19
C LEU A 111 -3.23 16.49 4.32
N HIS A 112 -4.13 16.22 3.39
CA HIS A 112 -4.72 17.22 2.50
CA HIS A 112 -4.75 17.17 2.47
C HIS A 112 -6.04 17.74 3.05
N GLN A 113 -6.28 19.04 2.98
CA GLN A 113 -7.48 19.66 3.49
C GLN A 113 -8.78 19.16 2.90
N ASP A 114 -8.81 18.74 1.64
CA ASP A 114 -10.01 18.13 1.08
C ASP A 114 -10.37 16.81 1.74
N ASP A 115 -9.37 16.03 2.14
CA ASP A 115 -9.65 14.75 2.82
C ASP A 115 -10.17 15.03 4.23
N LEU A 116 -9.58 16.00 4.90
CA LEU A 116 -10.03 16.36 6.24
C LEU A 116 -11.47 16.85 6.21
N ALA A 117 -11.82 17.59 5.17
CA ALA A 117 -13.15 18.15 5.02
C ALA A 117 -14.16 17.05 4.78
N ARG A 118 -13.79 16.08 3.95
CA ARG A 118 -14.76 15.01 3.69
C ARG A 118 -14.93 14.19 4.95
N LEU A 119 -13.89 14.04 5.74
CA LEU A 119 -14.05 13.30 7.00
C LEU A 119 -14.92 14.04 8.01
N LEU A 120 -14.71 15.35 8.17
CA LEU A 120 -15.44 16.10 9.18
C LEU A 120 -16.93 16.17 8.88
N ALA A 121 -17.28 15.97 7.62
CA ALA A 121 -18.65 15.96 7.16
C ALA A 121 -19.45 14.83 7.78
N LEU A 122 -18.77 13.83 8.35
CA LEU A 122 -19.48 12.69 8.94
C LEU A 122 -20.34 13.12 10.11
N SER A 123 -19.97 14.18 10.81
CA SER A 123 -20.72 14.62 11.97
C SER A 123 -22.12 15.07 11.60
N GLU A 124 -22.36 15.33 10.33
CA GLU A 124 -23.68 15.73 9.88
C GLU A 124 -24.63 14.55 9.82
N THR A 125 -24.12 13.36 9.52
CA THR A 125 -25.00 12.23 9.29
C THR A 125 -24.73 10.99 10.11
N SER A 126 -23.54 10.88 10.69
CA SER A 126 -23.11 9.67 11.36
C SER A 126 -23.39 9.65 12.86
N ARG A 127 -23.73 8.48 13.38
CA ARG A 127 -23.84 8.16 14.77
C ARG A 127 -22.61 7.46 15.36
N THR A 128 -21.68 7.03 14.52
CA THR A 128 -20.55 6.17 14.81
C THR A 128 -19.20 6.84 14.62
N GLY A 129 -19.08 7.58 13.54
CA GLY A 129 -17.91 8.22 13.02
C GLY A 129 -17.28 7.36 11.93
N GLY A 130 -16.02 7.65 11.61
CA GLY A 130 -15.33 6.98 10.53
C GLY A 130 -13.88 7.37 10.46
N ILE A 131 -13.21 6.79 9.46
CA ILE A 131 -11.79 7.03 9.32
C ILE A 131 -11.43 7.31 7.87
N LEU A 132 -10.33 8.02 7.70
CA LEU A 132 -9.68 8.11 6.40
C LEU A 132 -9.11 6.74 6.06
N ALA A 133 -9.28 6.37 4.79
CA ALA A 133 -8.80 5.06 4.37
C ALA A 133 -8.53 5.03 2.86
N ALA A 134 -7.61 4.18 2.47
CA ALA A 134 -7.26 3.95 1.06
C ALA A 134 -7.34 2.47 0.68
N PRO A 135 -7.96 2.14 -0.45
CA PRO A 135 -8.04 0.77 -0.91
C PRO A 135 -6.65 0.18 -1.15
N VAL A 136 -6.52 -1.11 -0.84
CA VAL A 136 -5.26 -1.81 -1.00
C VAL A 136 -4.99 -2.08 -2.48
N ARG A 137 -3.78 -1.84 -2.94
CA ARG A 137 -3.53 -1.97 -4.37
C ARG A 137 -3.04 -3.35 -4.80
N ASP A 138 -2.54 -4.16 -3.88
CA ASP A 138 -1.90 -5.40 -4.30
C ASP A 138 -2.72 -6.63 -3.96
N THR A 139 -2.44 -7.67 -4.74
CA THR A 139 -2.78 -9.02 -4.30
C THR A 139 -2.13 -9.28 -2.94
N MET A 140 -2.87 -9.99 -2.09
CA MET A 140 -2.39 -10.17 -0.72
C MET A 140 -2.19 -11.64 -0.41
N LYS A 141 -1.15 -11.99 0.34
CA LYS A 141 -0.87 -13.37 0.69
C LYS A 141 -0.77 -13.58 2.20
N ARG A 142 -1.19 -14.78 2.62
CA ARG A 142 -1.01 -15.21 4.00
C ARG A 142 0.10 -16.27 3.98
N ALA A 143 1.13 -16.05 4.78
CA ALA A 143 2.28 -16.94 4.76
C ALA A 143 2.00 -18.20 5.56
N GLU A 144 2.64 -19.31 5.19
CA GLU A 144 2.50 -20.49 6.04
C GLU A 144 3.02 -20.13 7.42
N PRO A 145 2.39 -20.62 8.47
CA PRO A 145 2.99 -20.44 9.81
C PRO A 145 4.36 -21.10 9.87
N GLY A 146 5.36 -20.33 10.29
CA GLY A 146 6.70 -20.86 10.39
C GLY A 146 7.55 -20.72 9.16
N LYS A 147 7.03 -20.21 8.05
CA LYS A 147 7.84 -20.15 6.83
C LYS A 147 7.57 -18.91 5.99
N ASN A 148 8.56 -18.56 5.17
CA ASN A 148 8.38 -17.47 4.21
C ASN A 148 7.89 -18.07 2.90
N ALA A 149 6.74 -18.71 3.02
CA ALA A 149 6.10 -19.30 1.86
C ALA A 149 4.60 -18.99 1.96
N ILE A 150 4.00 -18.91 0.78
CA ILE A 150 2.59 -18.60 0.71
C ILE A 150 1.73 -19.82 1.05
N ALA A 151 0.85 -19.65 2.02
CA ALA A 151 -0.22 -20.57 2.33
C ALA A 151 -1.41 -20.38 1.38
N HIS A 152 -1.88 -19.13 1.32
CA HIS A 152 -2.96 -18.82 0.40
C HIS A 152 -3.00 -17.33 0.07
N THR A 153 -3.78 -17.00 -0.96
CA THR A 153 -4.06 -15.62 -1.30
C THR A 153 -5.20 -15.09 -0.46
N VAL A 154 -5.11 -13.87 0.00
CA VAL A 154 -6.18 -13.21 0.72
C VAL A 154 -6.88 -12.22 -0.21
N ASP A 155 -8.20 -12.30 -0.34
CA ASP A 155 -8.88 -11.44 -1.31
C ASP A 155 -8.71 -9.96 -0.98
N ARG A 156 -8.16 -9.20 -1.92
CA ARG A 156 -7.90 -7.79 -1.64
C ARG A 156 -9.14 -6.96 -1.84
N ASN A 157 -10.18 -7.54 -2.43
CA ASN A 157 -11.42 -6.80 -2.56
C ASN A 157 -12.00 -6.55 -1.17
N GLY A 158 -12.35 -5.29 -0.90
CA GLY A 158 -12.90 -4.87 0.38
C GLY A 158 -11.85 -4.66 1.46
N LEU A 159 -10.57 -4.69 1.08
CA LEU A 159 -9.53 -4.48 2.08
C LEU A 159 -8.99 -3.06 1.96
N TRP A 160 -8.83 -2.37 3.09
CA TRP A 160 -8.39 -0.99 3.12
C TRP A 160 -7.24 -0.71 4.07
N HIS A 161 -6.35 0.18 3.62
CA HIS A 161 -5.35 0.75 4.53
C HIS A 161 -6.03 1.74 5.47
N ALA A 162 -6.00 1.48 6.78
CA ALA A 162 -6.55 2.44 7.72
C ALA A 162 -5.62 3.64 7.88
N LEU A 163 -6.13 4.84 7.61
CA LEU A 163 -5.27 6.00 7.79
C LEU A 163 -5.76 6.83 8.97
N THR A 164 -5.33 8.07 9.08
CA THR A 164 -5.77 9.00 10.09
C THR A 164 -5.91 10.38 9.42
N PRO A 165 -6.68 11.32 9.94
CA PRO A 165 -7.46 11.22 11.17
C PRO A 165 -8.61 10.21 11.19
N GLN A 166 -8.96 9.95 12.44
CA GLN A 166 -10.09 9.08 12.78
C GLN A 166 -11.05 10.00 13.54
N PHE A 167 -12.32 10.02 13.20
CA PHE A 167 -13.23 11.06 13.64
C PHE A 167 -14.47 10.46 14.30
N PHE A 168 -14.72 10.79 15.56
CA PHE A 168 -15.78 10.11 16.30
C PHE A 168 -16.50 11.01 17.30
N PRO A 169 -17.73 10.61 17.62
CA PRO A 169 -18.44 11.29 18.71
C PRO A 169 -17.66 11.06 20.01
N ARG A 170 -17.55 12.12 20.76
CA ARG A 170 -16.76 12.19 21.98
C ARG A 170 -17.05 11.07 22.97
N GLU A 171 -18.33 10.93 23.33
CA GLU A 171 -18.72 10.00 24.37
C GLU A 171 -18.52 8.55 23.94
N LEU A 172 -18.91 8.30 22.68
CA LEU A 172 -18.79 6.96 22.13
C LEU A 172 -17.32 6.54 22.08
N LEU A 173 -16.45 7.42 21.63
CA LEU A 173 -15.03 7.05 21.58
C LEU A 173 -14.51 6.80 22.98
N HIS A 174 -14.91 7.71 23.88
CA HIS A 174 -14.47 7.56 25.27
C HIS A 174 -14.87 6.20 25.85
N ASP A 175 -16.15 5.86 25.67
CA ASP A 175 -16.76 4.72 26.32
C ASP A 175 -16.25 3.41 25.73
N CYS A 176 -16.06 3.42 24.42
CA CYS A 176 -15.55 2.20 23.78
C CYS A 176 -14.08 2.02 24.12
N LEU A 177 -13.32 3.12 24.13
CA LEU A 177 -11.89 2.99 24.42
C LEU A 177 -11.73 2.48 25.86
N THR A 178 -12.50 3.07 26.75
CA THR A 178 -12.37 2.69 28.16
C THR A 178 -12.71 1.21 28.33
N ARG A 179 -13.83 0.80 27.71
CA ARG A 179 -14.28 -0.57 27.90
C ARG A 179 -13.36 -1.57 27.21
N ALA A 180 -12.95 -1.30 25.97
CA ALA A 180 -12.10 -2.25 25.27
C ALA A 180 -10.79 -2.48 26.02
N LEU A 181 -10.20 -1.39 26.49
CA LEU A 181 -8.96 -1.45 27.25
C LEU A 181 -9.17 -2.26 28.54
N ASN A 182 -10.21 -1.97 29.30
CA ASN A 182 -10.34 -2.68 30.57
C ASN A 182 -10.58 -4.17 30.34
N GLU A 183 -11.07 -4.51 29.17
CA GLU A 183 -11.42 -5.87 28.79
C GLU A 183 -10.25 -6.58 28.11
N GLY A 184 -9.12 -5.90 27.99
CA GLY A 184 -7.95 -6.52 27.40
C GLY A 184 -8.05 -6.66 25.90
N ALA A 185 -8.77 -5.75 25.22
CA ALA A 185 -8.86 -5.88 23.77
C ALA A 185 -7.53 -5.52 23.12
N THR A 186 -7.22 -6.10 21.97
CA THR A 186 -6.00 -5.67 21.27
C THR A 186 -6.33 -4.48 20.38
N ILE A 187 -5.98 -3.30 20.87
CA ILE A 187 -6.35 -2.07 20.19
C ILE A 187 -5.23 -1.61 19.27
N THR A 188 -5.59 -1.34 18.01
CA THR A 188 -4.56 -0.84 17.10
C THR A 188 -4.83 0.65 16.91
N ASP A 189 -5.92 0.95 16.21
CA ASP A 189 -6.33 2.33 16.02
C ASP A 189 -7.59 2.54 16.85
N GLU A 190 -8.17 3.71 16.74
CA GLU A 190 -9.32 4.08 17.58
C GLU A 190 -10.55 3.30 17.09
N ALA A 191 -10.60 3.13 15.78
CA ALA A 191 -11.71 2.43 15.15
C ALA A 191 -11.81 1.03 15.75
N SER A 192 -10.65 0.41 16.00
CA SER A 192 -10.65 -0.96 16.55
C SER A 192 -11.30 -1.04 17.92
N ALA A 193 -11.30 0.03 18.70
CA ALA A 193 -12.00 0.02 20.00
C ALA A 193 -13.50 0.03 19.75
N LEU A 194 -13.91 0.79 18.75
CA LEU A 194 -15.33 0.79 18.40
C LEU A 194 -15.72 -0.60 17.91
N GLU A 195 -14.85 -1.16 17.09
CA GLU A 195 -15.09 -2.49 16.54
C GLU A 195 -15.30 -3.52 17.65
N TYR A 196 -14.43 -3.45 18.66
CA TYR A 196 -14.52 -4.41 19.76
C TYR A 196 -15.90 -4.41 20.39
N CYS A 197 -16.43 -3.20 20.58
CA CYS A 197 -17.71 -3.03 21.25
C CYS A 197 -18.90 -3.21 20.33
N GLY A 198 -18.65 -3.50 19.05
CA GLY A 198 -19.71 -3.85 18.13
C GLY A 198 -20.17 -2.76 17.20
N PHE A 199 -19.42 -1.67 17.12
CA PHE A 199 -19.78 -0.63 16.18
C PHE A 199 -18.90 -0.71 14.93
N HIS A 200 -19.40 -0.12 13.84
CA HIS A 200 -18.74 -0.23 12.53
C HIS A 200 -18.51 1.12 11.91
N PRO A 201 -17.39 1.75 12.24
CA PRO A 201 -17.09 3.07 11.69
C PRO A 201 -17.10 3.08 10.15
N GLN A 202 -17.41 4.25 9.59
CA GLN A 202 -17.34 4.45 8.16
C GLN A 202 -15.91 4.60 7.63
N LEU A 203 -15.75 4.05 6.44
CA LEU A 203 -14.57 4.19 5.61
C LEU A 203 -14.77 5.37 4.65
N VAL A 204 -13.98 6.40 4.88
CA VAL A 204 -13.97 7.59 4.04
C VAL A 204 -12.71 7.57 3.18
N GLU A 205 -12.93 7.40 1.88
CA GLU A 205 -11.83 7.28 0.95
C GLU A 205 -11.02 8.56 0.92
N GLY A 206 -9.74 8.42 1.24
CA GLY A 206 -8.79 9.50 1.25
C GLY A 206 -7.67 9.26 0.25
N ARG A 207 -6.77 10.23 0.15
CA ARG A 207 -5.63 10.11 -0.74
C ARG A 207 -4.64 9.07 -0.23
N ALA A 208 -4.04 8.32 -1.12
CA ALA A 208 -3.07 7.29 -0.75
C ALA A 208 -1.69 7.92 -0.50
N ASP A 209 -1.55 9.22 -0.77
CA ASP A 209 -0.25 9.83 -0.44
C ASP A 209 -0.27 10.41 0.98
N ASN A 210 -1.28 10.05 1.77
CA ASN A 210 -1.28 10.54 3.17
C ASN A 210 -0.44 9.60 4.01
N ILE A 211 0.83 9.57 3.66
CA ILE A 211 1.79 8.60 4.15
C ILE A 211 2.36 8.98 5.51
N LYS A 212 2.93 7.99 6.17
CA LYS A 212 3.72 8.15 7.38
C LYS A 212 5.10 8.69 7.02
N VAL A 213 5.47 9.84 7.53
CA VAL A 213 6.80 10.40 7.37
C VAL A 213 7.52 10.24 8.70
N THR A 214 8.44 9.28 8.79
CA THR A 214 9.04 9.01 10.10
C THR A 214 10.47 9.51 10.21
N ARG A 215 11.17 9.69 9.08
CA ARG A 215 12.49 10.29 9.16
C ARG A 215 12.39 11.80 8.91
N PRO A 216 12.92 12.60 9.82
CA PRO A 216 12.85 14.06 9.62
C PRO A 216 13.47 14.48 8.29
N GLU A 217 14.47 13.71 7.86
CA GLU A 217 15.17 14.12 6.64
C GLU A 217 14.31 13.96 5.39
N ASP A 218 13.15 13.36 5.54
CA ASP A 218 12.27 13.06 4.42
C ASP A 218 11.16 14.09 4.31
N LEU A 219 11.03 14.93 5.32
CA LEU A 219 9.84 15.78 5.39
C LEU A 219 9.76 16.83 4.30
N ALA A 220 10.82 17.60 4.07
CA ALA A 220 10.76 18.60 3.00
C ALA A 220 10.45 17.97 1.65
N LEU A 221 11.11 16.83 1.39
CA LEU A 221 10.90 16.13 0.13
C LEU A 221 9.49 15.61 0.02
N ALA A 222 8.98 15.02 1.11
CA ALA A 222 7.61 14.49 1.02
C ALA A 222 6.63 15.62 0.78
N GLU A 223 6.90 16.71 1.47
CA GLU A 223 6.06 17.90 1.41
C GLU A 223 6.10 18.53 0.02
N PHE A 224 7.26 18.56 -0.62
CA PHE A 224 7.36 19.15 -1.95
C PHE A 224 6.59 18.34 -3.00
N TYR A 225 6.63 17.02 -2.91
CA TYR A 225 5.98 16.17 -3.91
C TYR A 225 4.51 15.90 -3.61
N LEU A 226 4.12 15.79 -2.35
CA LEU A 226 2.83 15.26 -1.97
C LEU A 226 1.92 16.31 -1.34
N THR A 227 2.49 17.42 -0.91
CA THR A 227 1.72 18.55 -0.39
C THR A 227 1.27 19.55 -1.45
N LEU B 5 21.70 -19.78 -16.95
CA LEU B 5 20.95 -18.86 -16.09
C LEU B 5 20.23 -17.73 -16.81
N ASP B 6 20.06 -17.82 -18.13
CA ASP B 6 19.30 -16.84 -18.88
C ASP B 6 17.90 -16.71 -18.28
N VAL B 7 17.44 -15.48 -18.16
CA VAL B 7 16.08 -15.25 -17.71
C VAL B 7 15.31 -14.44 -18.74
N CYS B 8 14.05 -14.77 -18.97
CA CYS B 8 13.21 -13.93 -19.84
C CYS B 8 12.20 -13.22 -18.94
N ALA B 9 12.03 -11.92 -19.10
CA ALA B 9 10.99 -11.21 -18.36
C ALA B 9 9.75 -11.06 -19.24
N VAL B 10 8.59 -11.01 -18.59
CA VAL B 10 7.30 -10.75 -19.21
C VAL B 10 6.59 -9.62 -18.46
N VAL B 11 6.12 -8.62 -19.16
CA VAL B 11 5.43 -7.46 -18.62
C VAL B 11 4.03 -7.41 -19.23
N PRO B 12 3.01 -7.75 -18.45
CA PRO B 12 1.62 -7.70 -18.93
C PRO B 12 1.13 -6.25 -19.04
N ALA B 13 1.29 -5.65 -20.22
CA ALA B 13 1.08 -4.24 -20.46
C ALA B 13 -0.14 -3.95 -21.33
N ALA B 14 -1.17 -4.76 -21.24
CA ALA B 14 -2.33 -4.60 -22.12
C ALA B 14 -3.46 -3.82 -21.47
N GLY B 15 -3.64 -2.57 -21.90
CA GLY B 15 -4.64 -1.65 -21.39
C GLY B 15 -5.27 -0.79 -22.47
N LYS B 26 -1.88 4.16 -16.52
CA LYS B 26 -0.76 4.75 -15.77
C LYS B 26 0.61 4.41 -16.34
N GLN B 27 0.78 3.28 -17.02
CA GLN B 27 2.11 2.92 -17.50
C GLN B 27 2.68 3.92 -18.49
N TYR B 28 1.85 4.79 -19.09
CA TYR B 28 2.39 5.72 -20.07
C TYR B 28 2.51 7.15 -19.54
N LEU B 29 2.15 7.37 -18.28
CA LEU B 29 2.54 8.55 -17.52
C LEU B 29 4.06 8.62 -17.41
N SER B 30 4.61 9.81 -17.21
CA SER B 30 6.06 9.96 -17.22
C SER B 30 6.64 10.36 -15.88
N ILE B 31 7.83 9.86 -15.56
CA ILE B 31 8.58 10.34 -14.40
C ILE B 31 9.91 10.84 -14.97
N GLY B 32 10.26 12.11 -14.72
CA GLY B 32 11.42 12.63 -15.45
C GLY B 32 11.13 12.54 -16.94
N ASN B 33 11.97 12.01 -17.82
CA ASN B 33 11.55 12.05 -19.24
C ASN B 33 11.41 10.66 -19.86
N GLN B 34 11.04 9.74 -19.00
CA GLN B 34 10.73 8.37 -19.31
C GLN B 34 9.37 8.03 -18.71
N THR B 35 8.65 7.26 -19.54
CA THR B 35 7.38 6.71 -19.07
C THR B 35 7.63 5.71 -17.94
N ILE B 36 6.57 5.54 -17.14
CA ILE B 36 6.59 4.53 -16.10
C ILE B 36 6.90 3.16 -16.70
N LEU B 37 6.35 2.80 -17.85
CA LEU B 37 6.64 1.49 -18.46
C LEU B 37 8.13 1.28 -18.67
N GLU B 38 8.77 2.35 -19.12
CA GLU B 38 10.18 2.37 -19.44
C GLU B 38 11.01 2.28 -18.17
N HIS B 39 10.60 2.97 -17.10
CA HIS B 39 11.34 2.80 -15.85
C HIS B 39 11.21 1.35 -15.37
N SER B 40 10.01 0.77 -15.44
CA SER B 40 9.81 -0.60 -15.03
C SER B 40 10.65 -1.57 -15.85
N VAL B 41 10.66 -1.40 -17.17
CA VAL B 41 11.46 -2.24 -18.04
C VAL B 41 12.95 -2.11 -17.77
N HIS B 42 13.43 -0.88 -17.63
CA HIS B 42 14.85 -0.70 -17.36
C HIS B 42 15.24 -1.23 -15.99
N ALA B 43 14.33 -1.22 -15.02
CA ALA B 43 14.63 -1.81 -13.71
C ALA B 43 14.94 -3.29 -13.86
N LEU B 44 14.18 -3.97 -14.72
CA LEU B 44 14.39 -5.38 -15.01
C LEU B 44 15.74 -5.65 -15.65
N LEU B 45 16.15 -4.77 -16.56
CA LEU B 45 17.36 -4.99 -17.32
C LEU B 45 18.62 -4.73 -16.50
N ALA B 46 18.47 -4.32 -15.24
CA ALA B 46 19.63 -4.03 -14.40
C ALA B 46 20.42 -5.30 -14.09
N HIS B 47 19.75 -6.44 -14.02
CA HIS B 47 20.40 -7.72 -13.75
C HIS B 47 20.85 -8.38 -15.07
N PRO B 48 22.13 -8.72 -15.20
CA PRO B 48 22.67 -9.30 -16.43
C PRO B 48 22.02 -10.59 -16.95
N ARG B 49 21.38 -11.38 -16.13
CA ARG B 49 20.70 -12.62 -16.44
C ARG B 49 19.41 -12.38 -17.21
N VAL B 50 18.86 -11.18 -17.04
CA VAL B 50 17.68 -10.79 -17.81
C VAL B 50 18.16 -10.43 -19.22
N LYS B 51 17.89 -11.33 -20.15
CA LYS B 51 18.39 -11.25 -21.51
C LYS B 51 17.36 -10.68 -22.46
N ARG B 52 16.10 -10.85 -22.11
CA ARG B 52 15.00 -10.34 -22.91
CA ARG B 52 14.99 -10.36 -22.92
C ARG B 52 13.82 -9.92 -22.05
N VAL B 53 13.05 -8.98 -22.57
CA VAL B 53 11.83 -8.57 -21.88
C VAL B 53 10.70 -8.62 -22.93
N VAL B 54 9.73 -9.49 -22.65
CA VAL B 54 8.57 -9.60 -23.54
C VAL B 54 7.47 -8.67 -23.05
N ILE B 55 7.09 -7.67 -23.83
CA ILE B 55 5.97 -6.82 -23.37
C ILE B 55 4.69 -7.22 -24.09
N ALA B 56 3.67 -7.60 -23.32
CA ALA B 56 2.36 -7.90 -23.90
C ALA B 56 1.52 -6.63 -23.93
N ILE B 57 1.11 -6.23 -25.13
CA ILE B 57 0.34 -5.01 -25.36
C ILE B 57 -1.00 -5.27 -26.03
N SER B 58 -1.95 -4.36 -25.80
CA SER B 58 -3.31 -4.64 -26.30
C SER B 58 -3.40 -4.32 -27.78
N PRO B 59 -4.13 -5.10 -28.57
CA PRO B 59 -4.36 -4.72 -29.99
C PRO B 59 -4.85 -3.28 -30.10
N GLY B 60 -4.32 -2.55 -31.06
CA GLY B 60 -4.65 -1.15 -31.29
C GLY B 60 -3.84 -0.16 -30.49
N ASP B 61 -3.14 -0.63 -29.45
CA ASP B 61 -2.35 0.25 -28.59
C ASP B 61 -1.16 0.79 -29.39
N SER B 62 -1.28 2.04 -29.79
CA SER B 62 -0.36 2.71 -30.70
C SER B 62 0.69 3.51 -29.94
N ARG B 63 0.44 3.75 -28.65
CA ARG B 63 1.38 4.53 -27.87
C ARG B 63 2.71 3.80 -27.69
N PHE B 64 2.66 2.48 -27.54
CA PHE B 64 3.90 1.76 -27.28
C PHE B 64 4.92 2.04 -28.38
N ALA B 65 4.47 1.99 -29.63
CA ALA B 65 5.33 2.12 -30.80
C ALA B 65 6.05 3.45 -30.84
N GLN B 66 5.61 4.43 -30.06
CA GLN B 66 6.19 5.77 -30.06
C GLN B 66 7.30 5.94 -29.04
N LEU B 67 7.41 4.98 -28.11
CA LEU B 67 8.43 5.06 -27.07
C LEU B 67 9.79 4.59 -27.60
N PRO B 68 10.88 5.17 -27.14
CA PRO B 68 12.19 4.74 -27.67
C PRO B 68 12.43 3.28 -27.34
N LEU B 69 11.80 2.85 -26.24
CA LEU B 69 11.89 1.47 -25.81
C LEU B 69 11.47 0.49 -26.90
N ALA B 70 10.62 0.95 -27.81
CA ALA B 70 10.11 0.15 -28.91
C ALA B 70 11.19 -0.23 -29.93
N ASN B 71 12.39 0.33 -29.84
CA ASN B 71 13.48 -0.09 -30.73
C ASN B 71 14.62 -0.70 -29.93
N HIS B 72 14.33 -1.15 -28.72
CA HIS B 72 15.37 -1.77 -27.90
C HIS B 72 15.55 -3.22 -28.32
N PRO B 73 16.78 -3.59 -28.64
CA PRO B 73 17.07 -4.91 -29.21
C PRO B 73 16.77 -6.07 -28.26
N GLN B 74 16.56 -5.79 -26.99
CA GLN B 74 16.26 -6.83 -26.02
C GLN B 74 14.76 -6.91 -25.73
N ILE B 75 13.96 -6.05 -26.36
CA ILE B 75 12.52 -6.02 -26.10
C ILE B 75 11.74 -6.77 -27.18
N THR B 76 10.83 -7.62 -26.75
CA THR B 76 9.93 -8.31 -27.67
C THR B 76 8.50 -7.85 -27.40
N VAL B 77 7.74 -7.59 -28.45
CA VAL B 77 6.36 -7.12 -28.29
C VAL B 77 5.37 -8.11 -28.86
N VAL B 78 4.35 -8.45 -28.08
CA VAL B 78 3.32 -9.39 -28.50
C VAL B 78 1.95 -8.85 -28.08
N ASP B 79 0.90 -9.37 -28.69
CA ASP B 79 -0.46 -8.99 -28.29
C ASP B 79 -0.81 -9.75 -27.02
N GLY B 80 -1.28 -9.02 -26.00
CA GLY B 80 -1.78 -9.68 -24.81
C GLY B 80 -3.29 -9.89 -24.94
N GLY B 81 -3.91 -10.44 -23.91
CA GLY B 81 -5.34 -10.65 -23.88
C GLY B 81 -6.06 -9.64 -23.01
N ASP B 82 -7.33 -9.94 -22.68
CA ASP B 82 -8.11 -9.02 -21.85
C ASP B 82 -7.75 -9.18 -20.38
N GLU B 83 -7.41 -10.38 -19.95
CA GLU B 83 -7.05 -10.63 -18.57
C GLU B 83 -5.54 -10.75 -18.38
N ARG B 84 -5.07 -10.65 -17.14
CA ARG B 84 -3.66 -10.71 -16.83
C ARG B 84 -3.05 -12.04 -17.27
N ALA B 85 -3.65 -13.12 -16.81
CA ALA B 85 -3.17 -14.48 -17.09
C ALA B 85 -3.03 -14.73 -18.58
N ASP B 86 -3.96 -14.16 -19.36
CA ASP B 86 -3.85 -14.33 -20.81
C ASP B 86 -2.63 -13.59 -21.36
N SER B 87 -2.39 -12.38 -20.88
CA SER B 87 -1.24 -11.64 -21.36
C SER B 87 0.05 -12.36 -21.00
N VAL B 88 0.12 -12.81 -19.76
CA VAL B 88 1.30 -13.56 -19.34
C VAL B 88 1.51 -14.81 -20.18
N LEU B 89 0.46 -15.58 -20.46
CA LEU B 89 0.64 -16.77 -21.30
C LEU B 89 1.16 -16.37 -22.68
N ALA B 90 0.67 -15.24 -23.20
CA ALA B 90 1.11 -14.74 -24.50
C ALA B 90 2.58 -14.34 -24.45
N GLY B 91 3.03 -13.81 -23.30
CA GLY B 91 4.45 -13.44 -23.21
C GLY B 91 5.32 -14.69 -23.18
N LEU B 92 4.85 -15.70 -22.46
CA LEU B 92 5.60 -16.93 -22.30
C LEU B 92 5.83 -17.63 -23.64
N LYS B 93 4.89 -17.55 -24.58
CA LYS B 93 5.19 -18.18 -25.89
C LYS B 93 6.42 -17.57 -26.53
N ALA B 94 6.80 -16.34 -26.15
CA ALA B 94 7.98 -15.74 -26.77
C ALA B 94 9.17 -15.78 -25.82
N ALA B 95 9.10 -16.59 -24.77
CA ALA B 95 10.19 -16.66 -23.79
C ALA B 95 11.33 -17.59 -24.23
N GLY B 96 11.27 -18.12 -25.44
CA GLY B 96 12.32 -18.96 -25.96
C GLY B 96 12.67 -20.10 -25.02
N ASP B 97 13.95 -20.42 -24.90
CA ASP B 97 14.42 -21.54 -24.09
C ASP B 97 14.81 -21.15 -22.68
N ALA B 98 14.58 -19.92 -22.25
CA ALA B 98 14.79 -19.54 -20.85
C ALA B 98 14.08 -20.50 -19.91
N GLN B 99 14.78 -20.97 -18.89
CA GLN B 99 14.24 -21.95 -17.96
C GLN B 99 13.36 -21.31 -16.88
N TRP B 100 13.69 -20.05 -16.62
CA TRP B 100 13.06 -19.24 -15.59
C TRP B 100 12.52 -17.95 -16.18
N VAL B 101 11.34 -17.58 -15.70
CA VAL B 101 10.66 -16.38 -16.18
CA VAL B 101 10.70 -16.36 -16.19
C VAL B 101 10.35 -15.44 -15.02
N LEU B 102 10.44 -14.16 -15.29
CA LEU B 102 10.19 -13.05 -14.40
C LEU B 102 8.92 -12.34 -14.87
N VAL B 103 7.91 -12.24 -14.04
CA VAL B 103 6.72 -11.47 -14.47
C VAL B 103 6.64 -10.20 -13.64
N HIS B 104 6.60 -9.08 -14.33
CA HIS B 104 6.68 -7.79 -13.67
C HIS B 104 5.64 -6.82 -14.20
N ASP B 105 5.05 -6.10 -13.25
CA ASP B 105 4.02 -5.10 -13.54
C ASP B 105 4.55 -3.91 -14.31
N ALA B 106 3.78 -3.53 -15.33
CA ALA B 106 4.13 -2.39 -16.16
C ALA B 106 4.22 -1.11 -15.32
N ALA B 107 3.41 -1.01 -14.27
CA ALA B 107 3.26 0.21 -13.49
C ALA B 107 3.99 0.19 -12.15
N ARG B 108 5.04 -0.59 -12.04
CA ARG B 108 5.94 -0.61 -10.89
C ARG B 108 7.33 -0.14 -11.28
N PRO B 109 7.52 1.17 -11.36
CA PRO B 109 8.77 1.74 -11.83
C PRO B 109 9.84 1.87 -10.75
N CYS B 110 9.51 1.59 -9.49
CA CYS B 110 10.46 1.80 -8.40
C CYS B 110 11.20 0.54 -7.98
N LEU B 111 11.13 -0.52 -8.79
CA LEU B 111 11.84 -1.76 -8.52
C LEU B 111 13.34 -1.50 -8.33
N HIS B 112 13.89 -1.95 -7.21
CA HIS B 112 15.28 -1.80 -6.84
C HIS B 112 16.13 -3.02 -7.23
N GLN B 113 17.32 -2.77 -7.76
CA GLN B 113 18.21 -3.82 -8.25
C GLN B 113 18.59 -4.87 -7.22
N ASP B 114 18.71 -4.50 -5.97
CA ASP B 114 19.05 -5.34 -4.83
C ASP B 114 17.95 -6.38 -4.61
N ASP B 115 16.71 -5.93 -4.70
CA ASP B 115 15.57 -6.83 -4.51
C ASP B 115 15.48 -7.77 -5.70
N LEU B 116 15.65 -7.25 -6.91
CA LEU B 116 15.68 -8.11 -8.09
C LEU B 116 16.76 -9.18 -7.96
N ALA B 117 17.95 -8.74 -7.56
CA ALA B 117 19.08 -9.66 -7.44
C ALA B 117 18.75 -10.77 -6.45
N ARG B 118 18.11 -10.37 -5.35
CA ARG B 118 17.86 -11.35 -4.30
C ARG B 118 16.73 -12.29 -4.70
N LEU B 119 15.84 -11.83 -5.56
CA LEU B 119 14.76 -12.69 -6.04
C LEU B 119 15.33 -13.74 -6.99
N LEU B 120 16.26 -13.31 -7.84
CA LEU B 120 16.81 -14.21 -8.85
C LEU B 120 17.60 -15.36 -8.25
N ALA B 121 18.04 -15.25 -7.00
CA ALA B 121 18.74 -16.34 -6.33
C ALA B 121 17.85 -17.55 -6.10
N LEU B 122 16.54 -17.35 -6.09
CA LEU B 122 15.58 -18.45 -5.91
C LEU B 122 15.78 -19.58 -6.88
N SER B 123 16.32 -19.29 -8.06
CA SER B 123 16.45 -20.32 -9.06
C SER B 123 17.57 -21.31 -8.75
N GLU B 124 18.50 -20.93 -7.87
CA GLU B 124 19.59 -21.86 -7.57
C GLU B 124 19.03 -23.03 -6.75
N THR B 125 18.07 -22.70 -5.88
CA THR B 125 17.56 -23.67 -4.93
C THR B 125 16.07 -23.95 -4.99
N SER B 126 15.27 -23.04 -5.55
CA SER B 126 13.82 -23.25 -5.50
C SER B 126 13.32 -24.16 -6.61
N ARG B 127 12.33 -24.97 -6.27
CA ARG B 127 11.67 -25.81 -7.27
C ARG B 127 10.35 -25.21 -7.75
N THR B 128 9.86 -24.19 -7.06
CA THR B 128 8.59 -23.55 -7.36
C THR B 128 8.76 -22.11 -7.87
N GLY B 129 9.65 -21.40 -7.22
CA GLY B 129 9.97 -20.00 -7.35
C GLY B 129 9.26 -19.20 -6.28
N GLY B 130 9.07 -17.91 -6.53
CA GLY B 130 8.63 -17.04 -5.47
C GLY B 130 8.47 -15.62 -5.99
N ILE B 131 8.10 -14.74 -5.07
CA ILE B 131 7.74 -13.38 -5.44
C ILE B 131 8.38 -12.38 -4.47
N LEU B 132 8.59 -11.16 -4.93
CA LEU B 132 8.90 -10.08 -4.00
C LEU B 132 7.63 -9.75 -3.21
N ALA B 133 7.80 -9.42 -1.95
CA ALA B 133 6.65 -9.13 -1.10
C ALA B 133 7.09 -8.25 0.07
N ALA B 134 6.16 -7.52 0.64
CA ALA B 134 6.32 -6.58 1.72
C ALA B 134 5.37 -6.92 2.89
N PRO B 135 5.90 -7.07 4.09
CA PRO B 135 5.01 -7.40 5.21
C PRO B 135 4.05 -6.24 5.51
N VAL B 136 2.81 -6.60 5.84
CA VAL B 136 1.86 -5.57 6.30
C VAL B 136 2.31 -5.06 7.67
N ARG B 137 2.56 -3.77 7.78
CA ARG B 137 3.05 -3.19 9.03
C ARG B 137 2.14 -2.09 9.55
N ASP B 138 1.14 -1.65 8.78
CA ASP B 138 0.20 -0.68 9.34
C ASP B 138 -1.21 -1.25 9.36
N THR B 139 -2.14 -0.55 10.00
CA THR B 139 -3.46 -1.15 10.23
C THR B 139 -4.25 -1.29 8.94
N MET B 140 -4.89 -2.43 8.77
CA MET B 140 -5.70 -2.81 7.63
C MET B 140 -7.08 -3.22 8.14
N LYS B 141 -8.09 -2.81 7.39
CA LYS B 141 -9.48 -3.14 7.61
C LYS B 141 -10.06 -3.89 6.41
N ARG B 142 -11.05 -4.72 6.71
CA ARG B 142 -11.95 -5.41 5.79
C ARG B 142 -13.31 -4.73 6.01
N ALA B 143 -13.87 -4.26 4.91
CA ALA B 143 -15.10 -3.50 4.88
C ALA B 143 -16.30 -4.43 4.84
N GLU B 144 -17.47 -3.97 5.26
CA GLU B 144 -18.63 -4.87 5.10
C GLU B 144 -18.94 -5.01 3.63
N PRO B 145 -19.25 -6.22 3.16
CA PRO B 145 -19.56 -6.37 1.73
C PRO B 145 -20.71 -5.48 1.31
N GLY B 146 -20.51 -4.75 0.21
CA GLY B 146 -21.51 -3.81 -0.27
C GLY B 146 -21.51 -2.46 0.40
N LYS B 147 -20.65 -2.27 1.40
CA LYS B 147 -20.70 -1.01 2.14
C LYS B 147 -19.32 -0.43 2.41
N ASN B 148 -19.24 0.89 2.58
CA ASN B 148 -17.97 1.50 2.97
C ASN B 148 -18.01 1.69 4.49
N ALA B 149 -18.12 0.56 5.18
CA ALA B 149 -18.00 0.61 6.63
C ALA B 149 -17.14 -0.58 7.04
N ILE B 150 -16.45 -0.42 8.16
CA ILE B 150 -15.56 -1.46 8.62
C ILE B 150 -16.30 -2.67 9.19
N ALA B 151 -15.95 -3.84 8.67
CA ALA B 151 -16.34 -5.13 9.21
C ALA B 151 -15.47 -5.50 10.40
N HIS B 152 -14.15 -5.54 10.17
CA HIS B 152 -13.19 -5.93 11.17
C HIS B 152 -11.79 -5.45 10.79
N THR B 153 -10.89 -5.49 11.76
CA THR B 153 -9.47 -5.23 11.57
C THR B 153 -8.76 -6.54 11.27
N VAL B 154 -7.88 -6.52 10.29
CA VAL B 154 -7.15 -7.70 9.83
C VAL B 154 -5.91 -7.98 10.67
N ASP B 155 -5.64 -9.23 11.01
CA ASP B 155 -4.39 -9.50 11.75
C ASP B 155 -3.23 -9.55 10.78
N ARG B 156 -2.19 -8.76 11.01
CA ARG B 156 -1.08 -8.61 10.08
C ARG B 156 -0.09 -9.75 10.18
N ASN B 157 -0.24 -10.59 11.21
CA ASN B 157 0.74 -11.66 11.37
C ASN B 157 0.67 -12.62 10.19
N GLY B 158 1.77 -12.72 9.48
CA GLY B 158 1.89 -13.51 8.27
C GLY B 158 1.18 -12.90 7.06
N LEU B 159 0.75 -11.64 7.13
CA LEU B 159 0.12 -11.01 5.98
C LEU B 159 1.13 -10.15 5.20
N TRP B 160 1.18 -10.44 3.91
CA TRP B 160 2.12 -9.84 2.99
C TRP B 160 1.46 -9.19 1.78
N HIS B 161 1.98 -8.03 1.39
CA HIS B 161 1.60 -7.46 0.09
C HIS B 161 2.30 -8.24 -1.01
N ALA B 162 1.60 -8.80 -2.00
CA ALA B 162 2.32 -9.39 -3.13
C ALA B 162 2.82 -8.26 -4.03
N LEU B 163 4.11 -8.26 -4.30
CA LEU B 163 4.68 -7.25 -5.21
C LEU B 163 5.03 -7.98 -6.50
N THR B 164 5.76 -7.32 -7.39
CA THR B 164 6.34 -7.97 -8.56
C THR B 164 7.78 -7.47 -8.64
N PRO B 165 8.70 -8.16 -9.29
CA PRO B 165 8.47 -9.41 -10.03
C PRO B 165 8.15 -10.65 -9.21
N GLN B 166 7.64 -11.58 -9.99
CA GLN B 166 7.23 -12.92 -9.57
C GLN B 166 8.05 -13.87 -10.45
N PHE B 167 8.81 -14.75 -9.85
CA PHE B 167 9.85 -15.50 -10.59
C PHE B 167 9.60 -16.99 -10.49
N PHE B 168 9.45 -17.66 -11.63
CA PHE B 168 9.08 -19.07 -11.64
C PHE B 168 9.73 -19.83 -12.80
N PRO B 169 9.91 -21.13 -12.62
CA PRO B 169 10.31 -21.95 -13.77
C PRO B 169 9.26 -21.75 -14.87
N ARG B 170 9.77 -21.66 -16.09
CA ARG B 170 8.95 -21.35 -17.25
C ARG B 170 7.83 -22.36 -17.47
N GLU B 171 8.16 -23.64 -17.51
CA GLU B 171 7.16 -24.63 -17.91
C GLU B 171 6.07 -24.81 -16.87
N LEU B 172 6.52 -24.77 -15.61
CA LEU B 172 5.63 -24.89 -14.46
C LEU B 172 4.64 -23.73 -14.41
N LEU B 173 5.11 -22.52 -14.65
CA LEU B 173 4.24 -21.35 -14.66
C LEU B 173 3.20 -21.55 -15.74
N HIS B 174 3.71 -21.89 -16.92
CA HIS B 174 2.90 -22.16 -18.09
C HIS B 174 1.75 -23.12 -17.79
N ASP B 175 2.10 -24.28 -17.22
CA ASP B 175 1.11 -25.32 -17.01
C ASP B 175 0.09 -24.95 -15.94
N CYS B 176 0.56 -24.27 -14.89
CA CYS B 176 -0.33 -23.86 -13.81
C CYS B 176 -1.32 -22.79 -14.26
N LEU B 177 -0.85 -21.88 -15.11
CA LEU B 177 -1.74 -20.82 -15.55
C LEU B 177 -2.76 -21.41 -16.54
N THR B 178 -2.26 -22.26 -17.44
CA THR B 178 -3.18 -22.91 -18.38
C THR B 178 -4.24 -23.70 -17.62
N ARG B 179 -3.81 -24.46 -16.61
CA ARG B 179 -4.75 -25.24 -15.80
C ARG B 179 -5.69 -24.39 -14.97
N ALA B 180 -5.19 -23.32 -14.34
CA ALA B 180 -6.10 -22.49 -13.54
C ALA B 180 -7.18 -21.90 -14.43
N LEU B 181 -6.77 -21.32 -15.55
CA LEU B 181 -7.71 -20.74 -16.52
C LEU B 181 -8.66 -21.80 -17.04
N ASN B 182 -8.17 -23.02 -17.28
CA ASN B 182 -9.06 -24.01 -17.88
C ASN B 182 -10.10 -24.54 -16.90
N GLU B 183 -9.87 -24.28 -15.62
CA GLU B 183 -10.74 -24.80 -14.57
C GLU B 183 -11.55 -23.67 -13.94
N GLY B 184 -11.53 -22.52 -14.60
CA GLY B 184 -12.26 -21.34 -14.19
C GLY B 184 -11.69 -20.73 -12.93
N ALA B 185 -10.47 -21.11 -12.57
CA ALA B 185 -9.86 -20.59 -11.35
C ALA B 185 -9.86 -19.08 -11.28
N THR B 186 -9.84 -18.53 -10.07
CA THR B 186 -9.80 -17.09 -9.90
C THR B 186 -8.38 -16.64 -9.63
N ILE B 187 -7.68 -16.31 -10.70
CA ILE B 187 -6.30 -15.86 -10.72
C ILE B 187 -6.18 -14.34 -10.65
N THR B 188 -5.30 -13.85 -9.78
CA THR B 188 -4.95 -12.43 -9.87
C THR B 188 -3.49 -12.38 -10.31
N ASP B 189 -2.58 -12.77 -9.41
CA ASP B 189 -1.17 -12.73 -9.81
C ASP B 189 -0.73 -14.11 -10.25
N GLU B 190 0.56 -14.26 -10.50
CA GLU B 190 1.07 -15.50 -11.08
C GLU B 190 1.19 -16.53 -9.96
N ALA B 191 1.63 -16.04 -8.80
CA ALA B 191 1.69 -16.90 -7.61
C ALA B 191 0.34 -17.57 -7.38
N SER B 192 -0.75 -16.88 -7.68
CA SER B 192 -2.06 -17.48 -7.42
C SER B 192 -2.30 -18.70 -8.29
N ALA B 193 -1.61 -18.80 -9.43
CA ALA B 193 -1.81 -19.93 -10.35
C ALA B 193 -1.06 -21.15 -9.84
N LEU B 194 0.07 -20.84 -9.21
CA LEU B 194 0.85 -21.93 -8.61
C LEU B 194 0.13 -22.44 -7.39
N GLU B 195 -0.41 -21.49 -6.62
CA GLU B 195 -1.11 -21.85 -5.39
C GLU B 195 -2.30 -22.75 -5.71
N TYR B 196 -2.99 -22.42 -6.79
CA TYR B 196 -4.17 -23.19 -7.17
C TYR B 196 -3.79 -24.62 -7.56
N CYS B 197 -2.61 -24.79 -8.13
CA CYS B 197 -2.15 -26.12 -8.49
C CYS B 197 -1.38 -26.79 -7.36
N GLY B 198 -1.50 -26.25 -6.15
CA GLY B 198 -1.03 -26.91 -4.94
C GLY B 198 0.32 -26.49 -4.44
N PHE B 199 0.93 -25.53 -5.13
CA PHE B 199 2.26 -25.07 -4.72
C PHE B 199 2.18 -23.89 -3.78
N HIS B 200 3.28 -23.62 -3.11
CA HIS B 200 3.42 -22.60 -2.09
C HIS B 200 4.63 -21.72 -2.36
N PRO B 201 4.54 -20.78 -3.29
CA PRO B 201 5.74 -20.01 -3.64
C PRO B 201 6.35 -19.31 -2.45
N GLN B 202 7.66 -19.11 -2.56
CA GLN B 202 8.37 -18.39 -1.51
C GLN B 202 8.07 -16.89 -1.54
N LEU B 203 8.15 -16.30 -0.37
CA LEU B 203 8.07 -14.87 -0.16
C LEU B 203 9.48 -14.33 0.07
N VAL B 204 9.93 -13.49 -0.84
CA VAL B 204 11.19 -12.77 -0.70
C VAL B 204 10.88 -11.34 -0.30
N GLU B 205 11.29 -10.97 0.92
CA GLU B 205 10.97 -9.62 1.36
C GLU B 205 11.66 -8.59 0.48
N GLY B 206 10.86 -7.65 0.00
CA GLY B 206 11.43 -6.52 -0.73
C GLY B 206 10.98 -5.22 -0.08
N ARG B 207 11.52 -4.14 -0.62
CA ARG B 207 11.21 -2.79 -0.20
C ARG B 207 9.75 -2.43 -0.44
N ALA B 208 9.16 -1.74 0.54
CA ALA B 208 7.77 -1.35 0.57
C ALA B 208 7.52 -0.18 -0.37
N ASP B 209 8.58 0.42 -0.92
CA ASP B 209 8.32 1.55 -1.82
C ASP B 209 8.27 1.06 -3.27
N ASN B 210 8.20 -0.24 -3.49
CA ASN B 210 8.04 -0.78 -4.86
C ASN B 210 6.56 -0.77 -5.22
N ILE B 211 6.02 0.44 -5.26
CA ILE B 211 4.62 0.72 -5.45
C ILE B 211 4.16 0.47 -6.89
N LYS B 212 2.92 0.01 -6.98
CA LYS B 212 2.21 -0.05 -8.25
C LYS B 212 1.45 1.27 -8.39
N VAL B 213 1.74 2.03 -9.41
CA VAL B 213 1.08 3.32 -9.62
C VAL B 213 -0.32 3.05 -10.19
N THR B 214 -1.33 3.24 -9.35
CA THR B 214 -2.70 2.93 -9.81
C THR B 214 -3.68 4.06 -9.51
N ARG B 215 -3.48 4.86 -8.49
CA ARG B 215 -4.24 6.05 -8.19
C ARG B 215 -3.52 7.27 -8.72
N PRO B 216 -4.23 8.33 -9.07
CA PRO B 216 -3.59 9.49 -9.71
C PRO B 216 -2.50 10.07 -8.84
N GLU B 217 -2.72 10.00 -7.52
CA GLU B 217 -1.70 10.61 -6.65
C GLU B 217 -0.49 9.69 -6.50
N ASP B 218 -0.57 8.47 -7.04
CA ASP B 218 0.53 7.51 -6.89
C ASP B 218 1.75 7.91 -7.71
N LEU B 219 1.50 8.71 -8.75
CA LEU B 219 2.61 9.19 -9.58
C LEU B 219 3.56 10.08 -8.80
N ALA B 220 3.01 11.09 -8.12
CA ALA B 220 3.83 11.92 -7.24
C ALA B 220 4.47 11.08 -6.14
N LEU B 221 3.74 10.12 -5.57
CA LEU B 221 4.31 9.23 -4.57
C LEU B 221 5.49 8.45 -5.13
N ALA B 222 5.29 7.89 -6.34
CA ALA B 222 6.38 7.13 -6.93
C ALA B 222 7.59 8.03 -7.14
N GLU B 223 7.33 9.24 -7.61
CA GLU B 223 8.44 10.17 -7.85
C GLU B 223 9.13 10.55 -6.55
N PHE B 224 8.37 10.74 -5.48
CA PHE B 224 8.98 11.00 -4.17
C PHE B 224 9.89 9.83 -3.76
N TYR B 225 9.46 8.59 -3.91
CA TYR B 225 10.24 7.41 -3.54
C TYR B 225 11.51 7.25 -4.35
N LEU B 226 11.47 7.57 -5.65
CA LEU B 226 12.67 7.48 -6.47
C LEU B 226 13.70 8.57 -6.14
N THR B 227 13.20 9.76 -5.81
CA THR B 227 14.04 10.90 -5.49
C THR B 227 14.68 10.65 -4.13
N ARG B 228 13.88 10.17 -3.19
CA ARG B 228 14.44 9.86 -1.87
C ARG B 228 15.52 8.78 -1.94
N THR B 229 15.28 7.71 -2.68
CA THR B 229 16.26 6.65 -2.90
C THR B 229 17.51 7.16 -3.61
N ILE B 230 17.37 7.95 -4.67
CA ILE B 230 18.58 8.46 -5.34
C ILE B 230 19.43 9.24 -4.35
N HIS B 231 18.77 10.13 -3.60
CA HIS B 231 19.37 10.91 -2.54
C HIS B 231 20.06 10.02 -1.51
N GLN B 232 19.37 9.03 -0.95
CA GLN B 232 19.92 8.17 0.10
C GLN B 232 21.19 7.49 -0.38
N GLU B 233 21.13 7.00 -1.62
CA GLU B 233 22.38 6.42 -2.16
C GLU B 233 23.36 7.56 -2.42
N ASN B 234 24.03 7.95 -1.33
CA ASN B 234 25.11 8.89 -1.19
C ASN B 234 25.27 9.45 0.23
C1 PGO C . -1.92 5.08 11.88
C2 PGO C . -3.15 4.46 11.20
C3 PGO C . -4.04 3.74 12.21
O1 PGO C . -1.60 6.33 11.27
O2 PGO C . -2.72 3.48 10.25
C1 PGO D . 0.08 3.86 1.44
C2 PGO D . -1.28 4.29 1.99
C3 PGO D . -2.44 3.85 1.13
O1 PGO D . 0.00 3.81 0.01
O2 PGO D . -1.30 5.71 2.09
C1 PGR E . 0.68 -8.27 -7.40
C2 PGR E . 0.13 -7.61 -8.67
C3 PGR E . -1.46 -7.70 -8.68
O1 PGR E . 0.15 -7.56 -6.27
O2 PGR E . 0.63 -6.24 -8.65
#